data_5HS2
#
_entry.id   5HS2
#
_cell.length_a   65.450
_cell.length_b   49.430
_cell.length_c   75.373
_cell.angle_alpha   90.00
_cell.angle_beta   101.41
_cell.angle_gamma   90.00
#
_symmetry.space_group_name_H-M   'P 1 21 1'
#
loop_
_entity.id
_entity.type
_entity.pdbx_description
1 polymer '2-C-methyl-D-erythritol 4-phosphate cytidylyltransferase'
2 non-polymer "CYTIDINE-5'-TRIPHOSPHATE"
3 non-polymer 'MAGNESIUM ION'
4 water water
#
_entity_poly.entity_id   1
_entity_poly.type   'polypeptide(L)'
_entity_poly.pdbx_seq_one_letter_code
;MSYDVVIPAAGQGKRMKAGRNKLFIELKGDPVIIHTLRVFDSHRQCDKIILVINEQEREHFQQLLSDYPFQTSIELVAGG
DERQHSVYKGLKAVKQEKIVLVHDGARPFIKHEQIDELIAEAEQTGAAILAVPVKDTIKRVQDLQVSETIERSSLWAVQT
PQAFRLSLLMKAHAEAERKGFLGTDDASLVEQMEGGSVRVVEGSYTNIKLTTPDDLTSAEAIMESESGNKHV
;
_entity_poly.pdbx_strand_id   A,B
#
loop_
_chem_comp.id
_chem_comp.type
_chem_comp.name
_chem_comp.formula
CTP non-polymer CYTIDINE-5'-TRIPHOSPHATE 'C9 H16 N3 O14 P3'
MG non-polymer 'MAGNESIUM ION' 'Mg 2'
#
# COMPACT_ATOMS: atom_id res chain seq x y z
N MET A 1 -3.11 -2.83 -33.20
CA MET A 1 -2.40 -3.54 -32.10
C MET A 1 -1.26 -2.66 -31.53
N SER A 2 -0.50 -1.97 -32.42
CA SER A 2 0.57 -0.98 -32.03
C SER A 2 0.14 0.25 -31.15
N TYR A 3 0.91 0.58 -30.09
CA TYR A 3 0.56 1.72 -29.19
C TYR A 3 1.72 2.70 -29.02
N ASP A 4 1.40 3.91 -28.57
CA ASP A 4 2.37 4.89 -28.03
C ASP A 4 2.25 4.93 -26.52
N VAL A 5 3.37 5.21 -25.86
CA VAL A 5 3.40 5.30 -24.39
C VAL A 5 3.86 6.68 -24.00
N VAL A 6 3.11 7.27 -23.10
CA VAL A 6 3.51 8.55 -22.47
C VAL A 6 4.01 8.23 -21.07
N ILE A 7 5.27 8.60 -20.83
CA ILE A 7 5.91 8.39 -19.53
C ILE A 7 6.14 9.71 -18.78
N PRO A 8 5.29 10.02 -17.80
CA PRO A 8 5.58 11.16 -16.96
C PRO A 8 6.81 10.95 -16.07
N ALA A 9 7.79 11.82 -16.27
CA ALA A 9 9.03 11.79 -15.54
C ALA A 9 9.45 13.20 -15.11
N ALA A 10 8.51 14.09 -14.96
CA ALA A 10 8.81 15.52 -14.79
C ALA A 10 8.71 15.99 -13.32
N GLY A 11 8.44 15.07 -12.39
CA GLY A 11 8.40 15.37 -10.96
C GLY A 11 9.78 15.61 -10.36
N GLN A 12 9.77 16.04 -9.09
CA GLN A 12 10.97 16.28 -8.30
C GLN A 12 11.26 15.18 -7.31
N GLY A 13 10.30 14.31 -6.99
CA GLY A 13 10.61 13.24 -6.05
C GLY A 13 10.81 13.71 -4.62
N LYS A 14 9.99 14.65 -4.19
CA LYS A 14 10.11 15.23 -2.84
C LYS A 14 10.00 14.21 -1.74
N ARG A 15 9.11 13.23 -1.85
CA ARG A 15 8.98 12.27 -0.78
C ARG A 15 10.13 11.27 -0.74
N MET A 16 10.88 11.17 -1.83
CA MET A 16 12.00 10.24 -1.86
C MET A 16 13.26 10.87 -1.20
N LYS A 17 13.36 12.19 -1.24
CA LYS A 17 14.39 12.96 -0.51
C LYS A 17 15.82 12.65 -0.98
N ALA A 18 15.98 12.50 -2.26
CA ALA A 18 17.30 12.21 -2.87
C ALA A 18 18.14 13.45 -3.17
N GLY A 19 17.53 14.62 -3.08
CA GLY A 19 18.20 15.88 -3.42
C GLY A 19 18.35 16.08 -4.91
N ARG A 20 17.58 15.31 -5.70
CA ARG A 20 17.50 15.41 -7.14
C ARG A 20 16.29 14.56 -7.55
N ASN A 21 15.94 14.58 -8.85
CA ASN A 21 14.88 13.71 -9.39
C ASN A 21 15.14 12.25 -9.00
N LYS A 22 14.17 11.66 -8.33
CA LYS A 22 14.27 10.27 -7.88
C LYS A 22 14.52 9.34 -9.02
N LEU A 23 14.14 9.74 -10.20
CA LEU A 23 14.23 8.88 -11.36
C LEU A 23 15.68 8.73 -11.82
N PHE A 24 16.61 9.57 -11.34
CA PHE A 24 18.05 9.37 -11.68
C PHE A 24 18.75 8.45 -10.68
N ILE A 25 18.08 8.08 -9.61
CA ILE A 25 18.68 7.12 -8.69
C ILE A 25 19.01 5.81 -9.38
N GLU A 26 20.21 5.27 -9.11
CA GLU A 26 20.68 3.99 -9.70
C GLU A 26 20.19 2.80 -8.94
N LEU A 27 19.54 1.88 -9.63
CA LEU A 27 19.29 0.55 -9.11
C LEU A 27 20.16 -0.41 -9.89
N LYS A 28 20.97 -1.19 -9.18
CA LYS A 28 21.95 -2.08 -9.80
C LYS A 28 22.66 -1.37 -10.95
N GLY A 29 23.07 -0.14 -10.74
CA GLY A 29 23.97 0.53 -11.67
C GLY A 29 23.29 1.37 -12.73
N ASP A 30 21.96 1.24 -12.91
CA ASP A 30 21.25 1.99 -13.94
C ASP A 30 20.11 2.85 -13.31
N PRO A 31 19.93 4.07 -13.80
CA PRO A 31 18.88 4.91 -13.25
C PRO A 31 17.49 4.27 -13.37
N VAL A 32 16.66 4.55 -12.39
CA VAL A 32 15.27 4.06 -12.37
C VAL A 32 14.59 4.21 -13.71
N ILE A 33 14.68 5.41 -14.27
CA ILE A 33 14.02 5.71 -15.54
C ILE A 33 14.55 4.84 -16.70
N ILE A 34 15.83 4.45 -16.65
CA ILE A 34 16.37 3.51 -17.66
C ILE A 34 15.70 2.13 -17.55
N HIS A 35 15.47 1.64 -16.33
CA HIS A 35 14.73 0.38 -16.17
C HIS A 35 13.36 0.45 -16.77
N THR A 36 12.65 1.52 -16.48
CA THR A 36 11.30 1.70 -17.05
C THR A 36 11.31 1.80 -18.58
N LEU A 37 12.21 2.61 -19.15
CA LEU A 37 12.28 2.78 -20.60
C LEU A 37 12.54 1.48 -21.34
N ARG A 38 13.35 0.63 -20.73
CA ARG A 38 13.76 -0.64 -21.31
C ARG A 38 12.56 -1.56 -21.52
N VAL A 39 11.60 -1.54 -20.58
CA VAL A 39 10.38 -2.38 -20.74
C VAL A 39 9.67 -2.02 -22.01
N PHE A 40 9.54 -0.74 -22.29
CA PHE A 40 8.84 -0.32 -23.52
C PHE A 40 9.66 -0.47 -24.80
N ASP A 41 10.93 -0.15 -24.73
CA ASP A 41 11.83 -0.27 -25.91
C ASP A 41 11.98 -1.72 -26.41
N SER A 42 11.91 -2.68 -25.50
CA SER A 42 11.93 -4.08 -25.86
C SER A 42 10.57 -4.70 -26.19
N HIS A 43 9.48 -3.93 -26.11
CA HIS A 43 8.16 -4.48 -26.33
C HIS A 43 7.81 -4.16 -27.78
N ARG A 44 7.61 -5.20 -28.57
CA ARG A 44 7.43 -5.07 -30.03
C ARG A 44 6.24 -4.19 -30.44
N GLN A 45 5.15 -4.20 -29.69
CA GLN A 45 3.97 -3.42 -30.02
C GLN A 45 4.09 -1.92 -29.70
N CYS A 46 5.13 -1.51 -28.97
CA CYS A 46 5.38 -0.10 -28.69
C CYS A 46 6.10 0.60 -29.86
N ASP A 47 5.40 1.46 -30.55
CA ASP A 47 5.88 2.23 -31.67
C ASP A 47 6.73 3.43 -31.26
N LYS A 48 6.32 4.14 -30.23
CA LYS A 48 6.97 5.38 -29.83
C LYS A 48 6.84 5.63 -28.32
N ILE A 49 7.89 6.25 -27.76
CA ILE A 49 7.91 6.63 -26.34
C ILE A 49 7.96 8.14 -26.29
N ILE A 50 7.02 8.71 -25.55
CA ILE A 50 7.06 10.14 -25.28
C ILE A 50 7.39 10.31 -23.82
N LEU A 51 8.57 10.86 -23.56
CA LEU A 51 9.03 10.98 -22.19
C LEU A 51 8.89 12.43 -21.75
N VAL A 52 8.05 12.68 -20.74
CA VAL A 52 7.74 14.04 -20.31
C VAL A 52 8.64 14.43 -19.17
N ILE A 53 9.38 15.53 -19.35
CA ILE A 53 10.44 15.92 -18.43
C ILE A 53 10.36 17.40 -18.04
N ASN A 54 11.03 17.73 -16.94
CA ASN A 54 11.19 19.13 -16.51
C ASN A 54 12.21 19.68 -17.50
N GLU A 55 11.92 20.81 -18.14
CA GLU A 55 12.83 21.47 -19.10
C GLU A 55 14.25 21.71 -18.58
N GLN A 56 14.43 21.96 -17.30
CA GLN A 56 15.80 22.13 -16.76
C GLN A 56 16.69 20.87 -16.85
N GLU A 57 16.05 19.69 -16.95
CA GLU A 57 16.74 18.42 -17.01
C GLU A 57 16.96 17.92 -18.42
N ARG A 58 16.60 18.71 -19.44
CA ARG A 58 16.58 18.20 -20.80
C ARG A 58 17.97 17.78 -21.25
N GLU A 59 18.98 18.62 -21.01
CA GLU A 59 20.34 18.26 -21.45
C GLU A 59 20.85 17.02 -20.70
N HIS A 60 20.42 16.85 -19.46
CA HIS A 60 20.75 15.67 -18.68
C HIS A 60 20.07 14.44 -19.29
N PHE A 61 18.77 14.52 -19.65
CA PHE A 61 18.16 13.40 -20.38
C PHE A 61 18.79 13.14 -21.73
N GLN A 62 19.10 14.20 -22.47
CA GLN A 62 19.82 13.98 -23.75
C GLN A 62 21.07 13.12 -23.58
N GLN A 63 21.95 13.50 -22.64
CA GLN A 63 23.17 12.75 -22.35
C GLN A 63 22.86 11.34 -21.90
N LEU A 64 22.03 11.26 -20.86
CA LEU A 64 21.67 9.98 -20.30
C LEU A 64 21.19 8.99 -21.37
N LEU A 65 20.28 9.43 -22.25
CA LEU A 65 19.71 8.55 -23.27
C LEU A 65 20.73 8.15 -24.30
N SER A 66 21.67 9.04 -24.66
CA SER A 66 22.68 8.70 -25.68
C SER A 66 23.62 7.58 -25.25
N ASP A 67 23.76 7.32 -23.95
CA ASP A 67 24.62 6.25 -23.46
C ASP A 67 23.99 4.85 -23.56
N TYR A 68 22.71 4.75 -23.91
CA TYR A 68 22.00 3.49 -23.86
C TYR A 68 21.48 3.06 -25.22
N PRO A 69 21.38 1.78 -25.47
CA PRO A 69 20.95 1.29 -26.79
C PRO A 69 19.42 1.22 -26.98
N PHE A 70 18.76 2.37 -26.97
CA PHE A 70 17.32 2.41 -27.24
C PHE A 70 17.13 2.43 -28.74
N GLN A 71 16.36 1.51 -29.24
CA GLN A 71 16.07 1.47 -30.68
C GLN A 71 14.73 2.13 -31.04
N THR A 72 13.76 2.09 -30.12
CA THR A 72 12.52 2.78 -30.33
C THR A 72 12.71 4.29 -30.14
N SER A 73 12.04 5.08 -30.95
CA SER A 73 12.08 6.54 -30.85
C SER A 73 11.62 7.05 -29.47
N ILE A 74 12.36 8.00 -28.92
CA ILE A 74 12.05 8.57 -27.60
C ILE A 74 12.07 10.06 -27.77
N GLU A 75 10.92 10.68 -27.63
CA GLU A 75 10.79 12.14 -27.74
C GLU A 75 10.73 12.80 -26.36
N LEU A 76 11.58 13.79 -26.12
CA LEU A 76 11.55 14.56 -24.86
C LEU A 76 10.62 15.73 -24.97
N VAL A 77 9.57 15.75 -24.13
CA VAL A 77 8.54 16.80 -24.15
C VAL A 77 8.57 17.46 -22.78
N ALA A 78 8.62 18.79 -22.71
CA ALA A 78 8.53 19.48 -21.41
C ALA A 78 7.15 19.22 -20.70
N GLY A 79 7.15 18.95 -19.40
CA GLY A 79 5.92 18.75 -18.57
C GLY A 79 5.46 19.98 -17.83
N GLY A 80 4.66 19.77 -16.81
CA GLY A 80 4.04 20.85 -16.05
C GLY A 80 4.15 20.66 -14.56
N ASP A 81 3.41 21.48 -13.83
CA ASP A 81 3.48 21.57 -12.38
C ASP A 81 2.85 20.38 -11.69
N GLU A 82 1.91 19.72 -12.33
CA GLU A 82 1.30 18.51 -11.76
C GLU A 82 1.38 17.37 -12.80
N ARG A 83 1.38 16.12 -12.33
CA ARG A 83 1.45 14.93 -13.19
C ARG A 83 0.41 15.00 -14.34
N GLN A 84 -0.82 15.41 -14.01
CA GLN A 84 -1.87 15.51 -15.00
C GLN A 84 -1.50 16.49 -16.12
N HIS A 85 -0.88 17.59 -15.76
CA HIS A 85 -0.50 18.58 -16.76
C HIS A 85 0.61 18.00 -17.60
N SER A 86 1.51 17.26 -16.96
CA SER A 86 2.62 16.63 -17.70
C SER A 86 2.08 15.59 -18.69
N VAL A 87 1.13 14.77 -18.25
CA VAL A 87 0.54 13.75 -19.10
C VAL A 87 -0.14 14.39 -20.29
N TYR A 88 -0.87 15.47 -20.09
CA TYR A 88 -1.57 16.11 -21.20
C TYR A 88 -0.61 16.66 -22.27
N LYS A 89 0.50 17.26 -21.83
CA LYS A 89 1.51 17.74 -22.76
C LYS A 89 2.10 16.58 -23.55
N GLY A 90 2.33 15.42 -22.91
CA GLY A 90 2.83 14.26 -23.62
C GLY A 90 1.85 13.76 -24.65
N LEU A 91 0.56 13.67 -24.23
CA LEU A 91 -0.49 13.21 -25.16
C LEU A 91 -0.68 14.07 -26.36
N LYS A 92 -0.50 15.36 -26.22
CA LYS A 92 -0.51 16.26 -27.38
C LYS A 92 0.61 16.00 -28.38
N ALA A 93 1.61 15.26 -27.98
CA ALA A 93 2.65 14.89 -28.93
C ALA A 93 2.40 13.58 -29.72
N VAL A 94 1.32 12.86 -29.40
CA VAL A 94 0.97 11.62 -30.10
C VAL A 94 0.32 11.99 -31.46
N LYS A 95 0.79 11.41 -32.55
CA LYS A 95 0.49 11.96 -33.91
C LYS A 95 -0.73 11.38 -34.61
N GLN A 96 -1.17 10.20 -34.22
CA GLN A 96 -2.27 9.56 -34.92
C GLN A 96 -3.19 8.90 -33.88
N GLU A 97 -4.44 8.71 -34.24
CA GLU A 97 -5.38 8.05 -33.34
C GLU A 97 -5.07 6.59 -33.14
N LYS A 98 -4.99 6.15 -31.88
CA LYS A 98 -4.53 4.83 -31.56
C LYS A 98 -4.73 4.56 -30.10
N ILE A 99 -4.37 3.37 -29.65
CA ILE A 99 -4.28 3.08 -28.22
C ILE A 99 -3.04 3.77 -27.67
N VAL A 100 -3.21 4.45 -26.56
CA VAL A 100 -2.09 5.10 -25.84
C VAL A 100 -2.05 4.54 -24.40
N LEU A 101 -0.84 4.31 -23.92
CA LEU A 101 -0.63 3.92 -22.51
C LEU A 101 0.01 5.10 -21.83
N VAL A 102 -0.38 5.34 -20.60
CA VAL A 102 0.29 6.32 -19.76
C VAL A 102 0.86 5.55 -18.59
N HIS A 103 2.15 5.70 -18.37
CA HIS A 103 2.89 4.91 -17.40
C HIS A 103 3.89 5.74 -16.65
N ASP A 104 3.80 5.70 -15.33
CA ASP A 104 4.73 6.45 -14.42
C ASP A 104 6.20 6.04 -14.62
N GLY A 105 7.10 7.03 -14.73
CA GLY A 105 8.50 6.76 -14.78
C GLY A 105 8.98 6.03 -13.54
N ALA A 106 8.31 6.28 -12.44
CA ALA A 106 8.63 5.72 -11.12
C ALA A 106 8.15 4.28 -10.90
N ARG A 107 7.59 3.61 -11.92
CA ARG A 107 7.24 2.16 -11.83
C ARG A 107 8.09 1.33 -12.84
N PRO A 108 9.31 0.96 -12.43
CA PRO A 108 10.24 0.32 -13.37
C PRO A 108 10.07 -1.22 -13.56
N PHE A 109 9.14 -1.88 -12.84
CA PHE A 109 8.94 -3.34 -12.89
C PHE A 109 7.68 -3.87 -13.57
N ILE A 110 6.98 -3.04 -14.31
CA ILE A 110 5.84 -3.47 -15.15
C ILE A 110 6.32 -4.54 -16.11
N LYS A 111 5.49 -5.56 -16.29
CA LYS A 111 5.80 -6.69 -17.21
C LYS A 111 4.98 -6.66 -18.52
N HIS A 112 5.59 -7.19 -19.59
CA HIS A 112 4.96 -7.31 -20.92
C HIS A 112 3.62 -8.06 -20.83
N GLU A 113 3.53 -9.05 -19.97
CA GLU A 113 2.22 -9.77 -19.78
C GLU A 113 1.03 -8.85 -19.39
N GLN A 114 1.24 -7.97 -18.41
CA GLN A 114 0.19 -7.07 -18.00
C GLN A 114 -0.06 -5.99 -19.03
N ILE A 115 1.00 -5.49 -19.70
CA ILE A 115 0.85 -4.53 -20.76
C ILE A 115 -0.11 -5.12 -21.83
N ASP A 116 0.14 -6.37 -22.23
CA ASP A 116 -0.70 -7.09 -23.19
C ASP A 116 -2.18 -7.21 -22.77
N GLU A 117 -2.47 -7.56 -21.53
CA GLU A 117 -3.87 -7.69 -21.09
C GLU A 117 -4.58 -6.34 -21.03
N LEU A 118 -3.86 -5.25 -20.70
CA LEU A 118 -4.48 -3.93 -20.72
C LEU A 118 -4.83 -3.50 -22.12
N ILE A 119 -3.92 -3.66 -23.06
CA ILE A 119 -4.17 -3.14 -24.39
C ILE A 119 -5.40 -3.84 -24.96
N ALA A 120 -5.51 -5.14 -24.69
CA ALA A 120 -6.68 -5.92 -25.11
C ALA A 120 -7.99 -5.36 -24.53
N GLU A 121 -8.00 -5.03 -23.23
CA GLU A 121 -9.21 -4.49 -22.60
C GLU A 121 -9.55 -3.12 -23.15
N ALA A 122 -8.52 -2.28 -23.38
CA ALA A 122 -8.74 -0.95 -23.91
C ALA A 122 -9.30 -1.03 -25.35
N GLU A 123 -8.77 -1.93 -26.16
CA GLU A 123 -9.28 -2.13 -27.53
C GLU A 123 -10.77 -2.50 -27.61
N GLN A 124 -11.25 -3.27 -26.63
CA GLN A 124 -12.66 -3.73 -26.51
C GLN A 124 -13.59 -2.70 -25.97
N THR A 125 -13.20 -2.02 -24.89
CA THR A 125 -14.11 -1.13 -24.17
C THR A 125 -13.64 0.31 -24.01
N GLY A 126 -12.37 0.63 -24.29
CA GLY A 126 -11.92 2.01 -24.36
C GLY A 126 -10.92 2.51 -23.31
N ALA A 127 -11.05 2.01 -22.09
CA ALA A 127 -10.31 2.51 -20.94
C ALA A 127 -10.11 1.38 -19.93
N ALA A 128 -8.85 1.07 -19.68
CA ALA A 128 -8.43 -0.03 -18.80
C ALA A 128 -7.28 0.43 -17.90
N ILE A 129 -7.36 0.04 -16.62
CA ILE A 129 -6.29 0.28 -15.66
C ILE A 129 -5.78 -1.04 -15.05
N LEU A 130 -4.49 -1.10 -14.72
CA LEU A 130 -3.98 -2.11 -13.79
C LEU A 130 -4.32 -1.77 -12.31
N ALA A 131 -4.66 -2.79 -11.54
CA ALA A 131 -4.96 -2.61 -10.15
C ALA A 131 -4.85 -3.90 -9.35
N VAL A 132 -4.74 -3.78 -8.03
CA VAL A 132 -4.68 -4.94 -7.15
C VAL A 132 -5.58 -4.73 -5.94
N PRO A 133 -6.13 -5.82 -5.37
CA PRO A 133 -7.03 -5.58 -4.22
C PRO A 133 -6.29 -4.92 -3.10
N VAL A 134 -6.95 -4.02 -2.38
CA VAL A 134 -6.46 -3.47 -1.12
C VAL A 134 -6.48 -4.61 -0.07
N LYS A 135 -5.40 -4.71 0.72
CA LYS A 135 -5.32 -5.65 1.84
C LYS A 135 -5.44 -4.98 3.24
N ASP A 136 -4.92 -3.76 3.40
CA ASP A 136 -5.02 -3.04 4.68
C ASP A 136 -6.39 -2.43 4.95
N THR A 137 -6.69 -2.14 6.21
CA THR A 137 -7.80 -1.26 6.58
C THR A 137 -7.45 0.19 6.23
N ILE A 138 -8.37 0.88 5.55
CA ILE A 138 -8.21 2.29 5.17
C ILE A 138 -9.20 3.14 5.94
N LYS A 139 -8.73 4.24 6.52
CA LYS A 139 -9.59 5.19 7.19
C LYS A 139 -9.21 6.57 6.74
N ARG A 140 -10.18 7.49 6.86
CA ARG A 140 -9.91 8.93 6.71
C ARG A 140 -9.58 9.62 8.06
N VAL A 141 -8.61 10.52 8.06
CA VAL A 141 -8.00 11.08 9.26
C VAL A 141 -7.91 12.61 9.16
N GLN A 142 -8.50 13.29 10.16
CA GLN A 142 -8.43 14.75 10.37
C GLN A 142 -7.48 15.11 11.50
N ASP A 143 -6.37 15.79 11.20
CA ASP A 143 -5.40 16.23 12.22
C ASP A 143 -4.93 15.10 13.16
N LEU A 144 -4.43 14.01 12.58
CA LEU A 144 -4.01 12.83 13.31
C LEU A 144 -5.13 12.26 14.21
N GLN A 145 -6.36 12.36 13.76
CA GLN A 145 -7.52 11.89 14.50
C GLN A 145 -8.54 11.30 13.55
N VAL A 146 -9.06 10.13 13.84
CA VAL A 146 -9.84 9.37 12.87
C VAL A 146 -11.18 10.03 12.71
N SER A 147 -11.60 10.24 11.45
CA SER A 147 -12.97 10.70 11.17
C SER A 147 -13.89 9.59 10.64
N GLU A 148 -13.39 8.67 9.80
CA GLU A 148 -14.20 7.48 9.39
C GLU A 148 -13.37 6.36 8.74
N THR A 149 -14.00 5.19 8.60
CA THR A 149 -13.41 3.98 8.05
C THR A 149 -14.09 3.59 6.73
N ILE A 150 -13.29 3.46 5.67
CA ILE A 150 -13.79 3.12 4.34
C ILE A 150 -13.97 1.59 4.31
N GLU A 151 -15.08 1.09 3.80
CA GLU A 151 -15.31 -0.36 3.62
C GLU A 151 -14.33 -0.87 2.55
N ARG A 152 -13.72 -2.04 2.73
CA ARG A 152 -12.54 -2.47 1.90
C ARG A 152 -12.68 -3.65 0.94
N SER A 153 -13.74 -4.44 1.09
CA SER A 153 -13.95 -5.67 0.27
C SER A 153 -14.05 -5.38 -1.21
N SER A 154 -14.51 -4.18 -1.56
CA SER A 154 -14.56 -3.77 -2.96
C SER A 154 -13.42 -2.77 -3.37
N LEU A 155 -12.41 -2.55 -2.52
CA LEU A 155 -11.43 -1.47 -2.79
C LEU A 155 -10.20 -2.02 -3.46
N TRP A 156 -9.67 -1.25 -4.42
CA TRP A 156 -8.52 -1.71 -5.21
C TRP A 156 -7.52 -0.54 -5.31
N ALA A 157 -6.22 -0.89 -5.33
CA ALA A 157 -5.11 0.07 -5.36
C ALA A 157 -4.62 0.11 -6.77
N VAL A 158 -4.72 1.26 -7.39
CA VAL A 158 -4.55 1.41 -8.81
C VAL A 158 -3.03 1.54 -9.12
N GLN A 159 -2.63 0.95 -10.22
CA GLN A 159 -1.26 1.03 -10.75
C GLN A 159 -1.24 1.76 -12.09
N THR A 160 -0.06 1.95 -12.69
CA THR A 160 0.02 2.23 -14.11
C THR A 160 0.80 1.03 -14.73
N PRO A 161 0.73 0.82 -16.05
CA PRO A 161 -0.01 1.64 -16.99
C PRO A 161 -1.52 1.60 -16.95
N GLN A 162 -2.08 2.66 -17.53
CA GLN A 162 -3.52 2.79 -17.82
C GLN A 162 -3.58 3.05 -19.33
N ALA A 163 -4.51 2.40 -19.98
CA ALA A 163 -4.51 2.27 -21.45
C ALA A 163 -5.83 2.75 -21.93
N PHE A 164 -5.80 3.58 -22.98
CA PHE A 164 -6.99 4.26 -23.48
C PHE A 164 -6.92 4.44 -24.96
N ARG A 165 -8.11 4.55 -25.54
CA ARG A 165 -8.23 5.09 -26.89
C ARG A 165 -7.83 6.57 -26.75
N LEU A 166 -6.92 7.04 -27.61
CA LEU A 166 -6.43 8.40 -27.51
C LEU A 166 -7.51 9.45 -27.50
N SER A 167 -8.46 9.38 -28.45
CA SER A 167 -9.57 10.33 -28.52
C SER A 167 -10.31 10.47 -27.18
N LEU A 168 -10.52 9.36 -26.54
CA LEU A 168 -11.33 9.33 -25.31
C LEU A 168 -10.53 9.97 -24.17
N LEU A 169 -9.23 9.68 -24.11
CA LEU A 169 -8.37 10.26 -23.06
C LEU A 169 -8.15 11.74 -23.27
N MET A 170 -7.94 12.17 -24.52
CA MET A 170 -7.79 13.62 -24.85
C MET A 170 -9.04 14.41 -24.52
N LYS A 171 -10.21 13.83 -24.83
CA LYS A 171 -11.48 14.46 -24.43
C LYS A 171 -11.60 14.58 -22.93
N ALA A 172 -11.26 13.53 -22.19
CA ALA A 172 -11.27 13.57 -20.71
C ALA A 172 -10.33 14.65 -20.16
N HIS A 173 -9.09 14.73 -20.70
CA HIS A 173 -8.14 15.77 -20.34
C HIS A 173 -8.63 17.16 -20.67
N ALA A 174 -9.21 17.36 -21.85
CA ALA A 174 -9.62 18.68 -22.25
C ALA A 174 -10.78 19.14 -21.33
N GLU A 175 -11.76 18.28 -21.08
CA GLU A 175 -12.83 18.64 -20.14
C GLU A 175 -12.32 18.94 -18.73
N ALA A 176 -11.45 18.07 -18.23
CA ALA A 176 -10.90 18.28 -16.90
C ALA A 176 -10.12 19.60 -16.81
N GLU A 177 -9.34 19.93 -17.83
CA GLU A 177 -8.60 21.18 -17.83
C GLU A 177 -9.58 22.37 -17.83
N ARG A 178 -10.64 22.32 -18.65
CA ARG A 178 -11.59 23.44 -18.70
C ARG A 178 -12.32 23.66 -17.37
N LYS A 179 -12.73 22.58 -16.71
CA LYS A 179 -13.50 22.64 -15.46
C LYS A 179 -12.64 22.81 -14.18
N GLY A 180 -11.33 22.64 -14.33
CA GLY A 180 -10.42 22.60 -13.18
C GLY A 180 -10.40 21.37 -12.35
N PHE A 181 -10.77 20.22 -12.90
CA PHE A 181 -10.70 18.94 -12.19
C PHE A 181 -9.27 18.45 -12.23
N LEU A 182 -8.68 18.26 -11.06
CA LEU A 182 -7.32 17.67 -10.97
C LEU A 182 -7.46 16.29 -10.37
N GLY A 183 -7.37 15.28 -11.23
CA GLY A 183 -7.45 13.89 -10.78
C GLY A 183 -6.07 13.37 -10.40
N THR A 184 -6.04 12.32 -9.60
CA THR A 184 -4.76 11.69 -9.25
C THR A 184 -4.31 10.62 -10.22
N ASP A 185 -5.21 10.18 -11.12
CA ASP A 185 -4.88 9.26 -12.20
C ASP A 185 -5.62 9.63 -13.48
N ASP A 186 -5.25 9.00 -14.58
CA ASP A 186 -5.90 9.28 -15.87
C ASP A 186 -7.34 8.68 -15.90
N ALA A 187 -7.49 7.51 -15.34
CA ALA A 187 -8.85 6.92 -15.18
C ALA A 187 -9.92 7.81 -14.54
N SER A 188 -9.57 8.54 -13.48
CA SER A 188 -10.52 9.45 -12.84
C SER A 188 -11.03 10.58 -13.76
N LEU A 189 -10.23 10.99 -14.76
CA LEU A 189 -10.68 11.95 -15.76
C LEU A 189 -11.79 11.37 -16.63
N VAL A 190 -11.61 10.13 -17.04
CA VAL A 190 -12.57 9.44 -17.85
C VAL A 190 -13.86 9.19 -17.03
N GLU A 191 -13.69 8.83 -15.76
CA GLU A 191 -14.84 8.62 -14.85
C GLU A 191 -15.68 9.88 -14.66
N GLN A 192 -15.05 11.04 -14.66
CA GLN A 192 -15.77 12.30 -14.53
C GLN A 192 -16.61 12.68 -15.74
N MET A 193 -16.33 12.12 -16.90
CA MET A 193 -17.14 12.39 -18.08
C MET A 193 -18.47 11.67 -18.01
N GLU A 194 -19.47 12.33 -18.58
CA GLU A 194 -20.79 11.73 -18.73
C GLU A 194 -20.69 10.42 -19.51
N GLY A 195 -21.18 9.35 -18.90
CA GLY A 195 -21.13 8.02 -19.51
C GLY A 195 -19.75 7.38 -19.52
N GLY A 196 -18.78 7.94 -18.79
CA GLY A 196 -17.42 7.39 -18.77
C GLY A 196 -17.32 6.09 -17.96
N SER A 197 -16.66 5.09 -18.54
CA SER A 197 -16.52 3.77 -17.93
C SER A 197 -15.08 3.32 -18.02
N VAL A 198 -14.56 2.77 -16.92
CA VAL A 198 -13.20 2.23 -16.87
C VAL A 198 -13.23 0.83 -16.34
N ARG A 199 -12.52 -0.08 -17.01
CA ARG A 199 -12.38 -1.44 -16.54
C ARG A 199 -11.02 -1.76 -15.92
N VAL A 200 -11.02 -2.82 -15.11
CA VAL A 200 -9.87 -3.22 -14.29
C VAL A 200 -9.30 -4.51 -14.78
N VAL A 201 -7.98 -4.50 -14.96
CA VAL A 201 -7.17 -5.68 -15.18
C VAL A 201 -6.32 -5.91 -13.90
N GLU A 202 -6.39 -7.11 -13.35
CA GLU A 202 -5.65 -7.38 -12.11
C GLU A 202 -4.16 -7.37 -12.40
N GLY A 203 -3.39 -6.62 -11.61
CA GLY A 203 -1.97 -6.49 -11.83
C GLY A 203 -1.18 -7.34 -10.85
N SER A 204 0.12 -7.06 -10.84
CA SER A 204 1.09 -7.75 -9.96
C SER A 204 1.42 -6.86 -8.78
N TYR A 205 1.49 -7.43 -7.57
CA TYR A 205 2.03 -6.72 -6.41
C TYR A 205 3.52 -6.36 -6.55
N THR A 206 4.23 -6.89 -7.51
CA THR A 206 5.64 -6.50 -7.78
C THR A 206 5.83 -5.23 -8.62
N ASN A 207 4.74 -4.71 -9.20
CA ASN A 207 4.74 -3.46 -9.99
C ASN A 207 4.65 -2.23 -9.09
N ILE A 208 5.63 -2.07 -8.22
CA ILE A 208 5.58 -1.07 -7.18
C ILE A 208 5.99 0.27 -7.73
N LYS A 209 5.53 1.35 -7.07
CA LYS A 209 5.96 2.71 -7.39
C LYS A 209 7.06 3.13 -6.40
N LEU A 210 8.14 3.75 -6.90
CA LEU A 210 9.21 4.20 -6.03
C LEU A 210 8.86 5.63 -5.58
N THR A 211 8.52 5.77 -4.30
CA THR A 211 7.98 7.01 -3.74
C THR A 211 8.75 7.48 -2.52
N THR A 212 9.03 6.56 -1.59
CA THR A 212 9.75 6.89 -0.36
C THR A 212 11.00 6.01 -0.25
N PRO A 213 11.94 6.38 0.64
CA PRO A 213 13.16 5.61 0.79
C PRO A 213 12.97 4.13 1.04
N ASP A 214 11.94 3.73 1.79
CA ASP A 214 11.71 2.28 1.96
C ASP A 214 11.37 1.54 0.67
N ASP A 215 10.78 2.25 -0.29
CA ASP A 215 10.52 1.67 -1.59
C ASP A 215 11.80 1.29 -2.31
N LEU A 216 12.91 2.00 -2.09
CA LEU A 216 14.18 1.53 -2.72
C LEU A 216 14.68 0.19 -2.24
N THR A 217 14.56 -0.10 -0.93
CA THR A 217 14.89 -1.41 -0.43
C THR A 217 14.00 -2.52 -1.03
N SER A 218 12.67 -2.31 -1.08
CA SER A 218 11.78 -3.26 -1.75
C SER A 218 12.21 -3.47 -3.20
N ALA A 219 12.57 -2.36 -3.87
CA ALA A 219 12.95 -2.41 -5.26
C ALA A 219 14.18 -3.29 -5.53
N GLU A 220 15.22 -3.15 -4.70
CA GLU A 220 16.45 -3.97 -4.83
C GLU A 220 16.16 -5.46 -4.69
N ALA A 221 15.32 -5.80 -3.72
CA ALA A 221 14.89 -7.17 -3.52
C ALA A 221 14.08 -7.75 -4.64
N ILE A 222 13.16 -6.97 -5.21
CA ILE A 222 12.42 -7.41 -6.42
C ILE A 222 13.41 -7.69 -7.53
N MET A 223 14.37 -6.81 -7.71
CA MET A 223 15.36 -7.03 -8.78
C MET A 223 16.15 -8.31 -8.61
N GLU A 224 16.67 -8.51 -7.40
CA GLU A 224 17.45 -9.69 -7.07
C GLU A 224 16.63 -10.96 -7.19
N SER A 225 15.37 -10.91 -6.77
CA SER A 225 14.44 -12.02 -6.96
C SER A 225 14.19 -12.41 -8.42
N GLU A 226 14.31 -11.47 -9.36
CA GLU A 226 14.15 -11.75 -10.80
C GLU A 226 15.38 -11.33 -11.63
N MET B 1 2.57 2.88 31.39
CA MET B 1 3.65 2.13 32.09
C MET B 1 3.74 0.66 31.64
N SER B 2 2.62 -0.07 31.59
CA SER B 2 2.67 -1.49 31.21
C SER B 2 1.42 -2.04 30.53
N TYR B 3 1.61 -2.91 29.54
CA TYR B 3 0.50 -3.41 28.73
C TYR B 3 0.50 -4.92 28.59
N ASP B 4 -0.66 -5.50 28.31
CA ASP B 4 -0.72 -6.81 27.74
C ASP B 4 -0.95 -6.60 26.24
N VAL B 5 -0.54 -7.59 25.46
CA VAL B 5 -0.80 -7.61 24.04
C VAL B 5 -1.58 -8.86 23.74
N VAL B 6 -2.68 -8.71 23.01
CA VAL B 6 -3.40 -9.83 22.47
C VAL B 6 -3.06 -10.04 21.01
N ILE B 7 -2.59 -11.23 20.69
CA ILE B 7 -2.33 -11.59 19.31
C ILE B 7 -3.32 -12.66 18.92
N PRO B 8 -4.22 -12.38 17.96
CA PRO B 8 -5.11 -13.42 17.45
C PRO B 8 -4.49 -14.24 16.32
N ALA B 9 -4.32 -15.56 16.52
CA ALA B 9 -3.84 -16.50 15.47
C ALA B 9 -4.30 -16.14 14.03
N ASN B 21 -1.75 -23.12 9.20
CA ASN B 21 -1.67 -21.79 9.79
C ASN B 21 -0.57 -20.94 9.13
N LYS B 22 -0.94 -19.71 8.80
CA LYS B 22 -0.08 -18.78 8.06
C LYS B 22 1.07 -18.25 8.91
N LEU B 23 0.85 -18.15 10.23
CA LEU B 23 1.85 -17.60 11.16
C LEU B 23 3.13 -18.46 11.29
N PHE B 24 3.07 -19.72 10.84
CA PHE B 24 4.21 -20.63 10.85
C PHE B 24 5.02 -20.58 9.57
N ILE B 25 4.58 -19.76 8.62
CA ILE B 25 5.40 -19.43 7.47
C ILE B 25 6.68 -18.87 8.05
N GLU B 26 7.80 -19.14 7.39
CA GLU B 26 9.10 -18.80 7.96
C GLU B 26 9.76 -17.64 7.30
N LEU B 27 10.59 -16.95 8.09
CA LEU B 27 11.40 -15.82 7.65
C LEU B 27 12.80 -16.06 8.16
N LYS B 28 13.74 -16.30 7.23
CA LYS B 28 15.11 -16.65 7.56
C LYS B 28 15.22 -17.76 8.67
N GLY B 29 14.48 -18.84 8.52
CA GLY B 29 14.67 -20.00 9.41
C GLY B 29 13.67 -20.13 10.54
N ASP B 30 13.00 -19.02 10.91
CA ASP B 30 12.07 -19.06 12.06
C ASP B 30 10.69 -18.58 11.68
N PRO B 31 9.64 -19.22 12.26
CA PRO B 31 8.28 -18.77 11.96
C PRO B 31 8.09 -17.26 12.20
N VAL B 32 7.32 -16.60 11.34
CA VAL B 32 7.10 -15.17 11.46
C VAL B 32 6.58 -14.83 12.87
N ILE B 33 5.67 -15.64 13.42
CA ILE B 33 5.16 -15.39 14.78
C ILE B 33 6.28 -15.26 15.85
N ILE B 34 7.36 -16.02 15.71
CA ILE B 34 8.51 -15.93 16.64
C ILE B 34 9.26 -14.61 16.48
N HIS B 35 9.44 -14.15 15.25
CA HIS B 35 10.03 -12.79 15.08
C HIS B 35 9.16 -11.72 15.77
N THR B 36 7.85 -11.86 15.63
CA THR B 36 6.92 -10.93 16.28
C THR B 36 6.96 -11.04 17.81
N LEU B 37 6.93 -12.27 18.31
CA LEU B 37 7.05 -12.48 19.75
C LEU B 37 8.32 -11.86 20.36
N ARG B 38 9.41 -11.99 19.65
CA ARG B 38 10.70 -11.42 20.09
C ARG B 38 10.62 -9.93 20.40
N VAL B 39 9.93 -9.18 19.58
CA VAL B 39 9.80 -7.76 19.77
C VAL B 39 9.09 -7.48 21.11
N PHE B 40 7.97 -8.14 21.38
CA PHE B 40 7.25 -7.90 22.64
C PHE B 40 7.98 -8.45 23.87
N ASP B 41 8.71 -9.56 23.65
CA ASP B 41 9.51 -10.14 24.72
C ASP B 41 10.68 -9.23 25.11
N SER B 42 11.29 -8.54 24.13
CA SER B 42 12.40 -7.60 24.39
C SER B 42 11.93 -6.22 24.86
N HIS B 43 10.64 -6.03 25.07
CA HIS B 43 10.11 -4.73 25.48
C HIS B 43 9.74 -4.75 26.97
N ARG B 44 10.41 -3.93 27.77
CA ARG B 44 10.29 -4.07 29.24
C ARG B 44 8.87 -3.77 29.75
N GLN B 45 8.12 -2.95 29.02
CA GLN B 45 6.78 -2.55 29.45
C GLN B 45 5.72 -3.59 29.10
N CYS B 46 6.09 -4.64 28.36
CA CYS B 46 5.12 -5.70 28.06
C CYS B 46 5.08 -6.73 29.16
N ASP B 47 3.97 -6.78 29.90
CA ASP B 47 3.81 -7.71 31.02
C ASP B 47 3.36 -9.08 30.60
N LYS B 48 2.46 -9.16 29.65
CA LYS B 48 1.98 -10.44 29.21
C LYS B 48 1.65 -10.41 27.72
N ILE B 49 1.83 -11.56 27.09
CA ILE B 49 1.43 -11.78 25.74
C ILE B 49 0.34 -12.83 25.76
N ILE B 50 -0.82 -12.49 25.25
CA ILE B 50 -1.94 -13.41 25.11
C ILE B 50 -2.08 -13.74 23.65
N LEU B 51 -1.86 -15.01 23.36
CA LEU B 51 -1.87 -15.55 22.05
C LEU B 51 -3.16 -16.36 21.90
N VAL B 52 -4.08 -15.89 21.04
CA VAL B 52 -5.40 -16.49 20.93
C VAL B 52 -5.43 -17.50 19.80
N ILE B 53 -5.82 -18.72 20.13
CA ILE B 53 -5.69 -19.85 19.22
C ILE B 53 -6.97 -20.69 19.09
N ASN B 54 -6.99 -21.52 18.06
CA ASN B 54 -7.96 -22.61 17.96
C ASN B 54 -7.56 -23.67 18.97
N GLU B 55 -8.51 -24.04 19.83
CA GLU B 55 -8.30 -24.96 20.97
C GLU B 55 -7.67 -26.30 20.58
N GLN B 56 -8.01 -26.80 19.39
CA GLN B 56 -7.44 -28.04 18.89
C GLN B 56 -5.95 -27.95 18.47
N GLU B 57 -5.44 -26.73 18.23
CA GLU B 57 -4.01 -26.50 17.95
C GLU B 57 -3.18 -26.11 19.19
N ARG B 58 -3.67 -26.39 20.39
CA ARG B 58 -2.95 -26.02 21.62
C ARG B 58 -1.61 -26.75 21.76
N GLU B 59 -1.56 -28.00 21.30
CA GLU B 59 -0.33 -28.81 21.32
C GLU B 59 0.71 -28.28 20.34
N HIS B 60 0.30 -28.01 19.10
CA HIS B 60 1.17 -27.38 18.10
C HIS B 60 1.81 -26.08 18.66
N PHE B 61 1.04 -25.28 19.38
CA PHE B 61 1.58 -24.06 19.99
C PHE B 61 2.48 -24.33 21.19
N GLN B 62 2.09 -25.27 22.04
CA GLN B 62 2.93 -25.69 23.16
C GLN B 62 4.29 -26.10 22.67
N GLN B 63 4.31 -26.84 21.57
CA GLN B 63 5.54 -27.30 20.97
C GLN B 63 6.40 -26.14 20.49
N LEU B 64 5.76 -25.16 19.86
CA LEU B 64 6.45 -23.97 19.38
C LEU B 64 7.13 -23.24 20.52
N LEU B 65 6.38 -23.03 21.59
CA LEU B 65 6.86 -22.33 22.77
C LEU B 65 7.91 -23.10 23.60
N SER B 66 7.89 -24.42 23.47
CA SER B 66 8.95 -25.26 24.00
C SER B 66 10.25 -25.00 23.23
N ASP B 67 10.17 -25.08 21.90
CA ASP B 67 11.33 -24.89 21.02
C ASP B 67 11.92 -23.49 21.06
N TYR B 68 11.09 -22.50 21.41
CA TYR B 68 11.49 -21.10 21.41
C TYR B 68 11.14 -20.57 22.76
N PRO B 69 12.05 -20.75 23.73
CA PRO B 69 11.71 -20.28 25.07
C PRO B 69 11.79 -18.76 25.18
N PHE B 70 10.79 -18.19 25.83
CA PHE B 70 10.73 -16.75 26.05
C PHE B 70 10.62 -16.49 27.53
N GLN B 71 11.24 -15.41 27.98
CA GLN B 71 11.15 -15.05 29.41
C GLN B 71 9.85 -14.37 29.76
N THR B 72 9.30 -13.52 28.88
CA THR B 72 8.05 -12.82 29.14
C THR B 72 6.86 -13.78 29.21
N SER B 73 5.92 -13.55 30.11
CA SER B 73 4.76 -14.47 30.26
C SER B 73 3.90 -14.55 28.99
N ILE B 74 3.69 -15.77 28.49
CA ILE B 74 2.88 -16.02 27.28
C ILE B 74 1.76 -16.99 27.67
N GLU B 75 0.51 -16.57 27.45
CA GLU B 75 -0.70 -17.33 27.80
C GLU B 75 -1.47 -17.69 26.55
N LEU B 76 -1.66 -18.98 26.30
CA LEU B 76 -2.50 -19.43 25.19
C LEU B 76 -3.95 -19.38 25.67
N VAL B 77 -4.83 -18.87 24.83
CA VAL B 77 -6.24 -18.74 25.13
C VAL B 77 -7.03 -19.26 23.94
N ALA B 78 -8.19 -19.86 24.23
CA ALA B 78 -9.04 -20.45 23.21
C ALA B 78 -9.81 -19.34 22.48
N GLY B 79 -9.91 -19.47 21.16
CA GLY B 79 -10.42 -18.39 20.31
C GLY B 79 -11.63 -18.78 19.48
N GLY B 80 -12.54 -17.83 19.30
CA GLY B 80 -13.78 -18.04 18.56
C GLY B 80 -13.58 -18.15 17.06
N ASP B 81 -14.69 -18.18 16.32
CA ASP B 81 -14.66 -18.41 14.85
C ASP B 81 -14.26 -17.21 13.99
N GLU B 82 -14.15 -16.03 14.60
CA GLU B 82 -13.72 -14.82 13.88
C GLU B 82 -12.75 -14.00 14.73
N ARG B 83 -11.86 -13.29 14.04
CA ARG B 83 -10.89 -12.42 14.66
C ARG B 83 -11.48 -11.53 15.76
N GLN B 84 -12.64 -10.92 15.50
CA GLN B 84 -13.27 -10.03 16.47
C GLN B 84 -13.64 -10.76 17.78
N HIS B 85 -14.16 -11.97 17.62
CA HIS B 85 -14.59 -12.84 18.72
C HIS B 85 -13.35 -13.36 19.46
N SER B 86 -12.36 -13.80 18.68
CA SER B 86 -11.04 -14.18 19.22
C SER B 86 -10.37 -13.08 20.04
N VAL B 87 -10.35 -11.86 19.52
CA VAL B 87 -9.80 -10.74 20.28
C VAL B 87 -10.56 -10.56 21.60
N TYR B 88 -11.88 -10.66 21.55
CA TYR B 88 -12.74 -10.55 22.75
C TYR B 88 -12.38 -11.62 23.79
N LYS B 89 -12.37 -12.89 23.35
CA LYS B 89 -11.96 -14.03 24.18
C LYS B 89 -10.60 -13.74 24.80
N GLY B 90 -9.70 -13.21 23.97
CA GLY B 90 -8.38 -12.77 24.42
C GLY B 90 -8.44 -11.73 25.49
N LEU B 91 -9.29 -10.73 25.31
CA LEU B 91 -9.36 -9.64 26.30
C LEU B 91 -9.87 -10.09 27.68
N LYS B 92 -10.73 -11.12 27.72
CA LYS B 92 -11.20 -11.70 29.02
C LYS B 92 -10.09 -12.33 29.88
N ALA B 93 -8.92 -12.54 29.28
CA ALA B 93 -7.82 -13.11 29.95
C ALA B 93 -6.95 -12.02 30.50
N VAL B 94 -7.29 -10.75 30.29
CA VAL B 94 -6.54 -9.63 30.90
C VAL B 94 -7.10 -9.47 32.29
N LYS B 95 -6.22 -9.30 33.29
CA LYS B 95 -6.57 -9.52 34.72
C LYS B 95 -6.85 -8.27 35.56
N GLN B 96 -6.40 -7.11 35.12
CA GLN B 96 -6.72 -5.83 35.80
C GLN B 96 -6.78 -4.72 34.76
N GLU B 97 -7.17 -3.51 35.19
CA GLU B 97 -7.36 -2.40 34.28
C GLU B 97 -6.04 -1.85 33.78
N LYS B 98 -5.88 -1.82 32.45
CA LYS B 98 -4.64 -1.39 31.81
C LYS B 98 -4.82 -1.22 30.29
N ILE B 99 -3.78 -0.66 29.66
CA ILE B 99 -3.67 -0.57 28.20
C ILE B 99 -3.53 -1.99 27.64
N VAL B 100 -4.35 -2.35 26.66
CA VAL B 100 -4.17 -3.59 25.92
C VAL B 100 -3.81 -3.27 24.45
N LEU B 101 -2.78 -3.95 23.93
CA LEU B 101 -2.50 -3.90 22.50
C LEU B 101 -3.20 -5.06 21.84
N VAL B 102 -3.60 -4.85 20.59
CA VAL B 102 -4.01 -5.91 19.71
C VAL B 102 -3.14 -5.84 18.46
N HIS B 103 -2.51 -6.96 18.12
CA HIS B 103 -1.44 -6.96 17.12
C HIS B 103 -1.52 -8.19 16.24
N ASP B 104 -1.34 -7.97 14.93
CA ASP B 104 -1.26 -9.06 13.95
C ASP B 104 0.05 -9.80 14.06
N GLY B 105 -0.05 -11.11 14.16
CA GLY B 105 1.11 -11.98 14.32
C GLY B 105 2.08 -11.97 13.17
N ALA B 106 1.60 -11.60 12.00
CA ALA B 106 2.36 -11.54 10.78
C ALA B 106 2.97 -10.15 10.49
N ARG B 107 3.01 -9.28 11.50
CA ARG B 107 3.71 -7.99 11.45
C ARG B 107 4.92 -7.98 12.38
N PRO B 108 6.04 -8.53 11.89
CA PRO B 108 7.19 -8.71 12.76
C PRO B 108 8.09 -7.52 12.95
N PHE B 109 7.90 -6.44 12.19
CA PHE B 109 8.88 -5.34 12.14
C PHE B 109 8.46 -4.10 12.93
N ILE B 110 7.36 -4.21 13.66
CA ILE B 110 7.00 -3.18 14.62
C ILE B 110 8.20 -2.79 15.50
N LYS B 111 8.45 -1.49 15.64
CA LYS B 111 9.53 -1.01 16.50
C LYS B 111 8.98 -0.51 17.85
N HIS B 112 9.75 -0.73 18.91
CA HIS B 112 9.39 -0.33 20.28
C HIS B 112 9.04 1.16 20.33
N GLU B 113 9.84 1.96 19.62
CA GLU B 113 9.59 3.41 19.44
C GLU B 113 8.15 3.73 19.03
N GLN B 114 7.65 3.00 18.03
CA GLN B 114 6.27 3.12 17.64
C GLN B 114 5.35 2.60 18.72
N ILE B 115 5.73 1.49 19.37
CA ILE B 115 4.89 0.89 20.41
C ILE B 115 4.72 1.89 21.55
N ASP B 116 5.80 2.58 21.88
CA ASP B 116 5.72 3.51 23.02
C ASP B 116 4.80 4.69 22.73
N GLU B 117 4.90 5.24 21.51
CA GLU B 117 4.00 6.31 21.06
C GLU B 117 2.54 5.90 21.07
N LEU B 118 2.26 4.67 20.65
CA LEU B 118 0.90 4.17 20.70
C LEU B 118 0.36 4.12 22.11
N ILE B 119 1.19 3.64 23.05
CA ILE B 119 0.77 3.54 24.46
C ILE B 119 0.62 4.96 24.99
N ALA B 120 1.68 5.76 24.83
CA ALA B 120 1.72 7.19 25.24
C ALA B 120 0.50 7.97 24.87
N GLU B 121 -0.05 7.72 23.68
CA GLU B 121 -1.27 8.35 23.24
C GLU B 121 -2.52 7.71 23.80
N ALA B 122 -2.58 6.38 23.84
CA ALA B 122 -3.78 5.71 24.36
C ALA B 122 -3.92 5.76 25.88
N GLU B 123 -2.85 6.05 26.61
CA GLU B 123 -2.95 6.40 28.04
C GLU B 123 -3.43 7.85 28.18
N GLN B 124 -2.87 8.73 27.34
CA GLN B 124 -3.17 10.16 27.35
C GLN B 124 -4.63 10.40 26.96
N THR B 125 -5.11 9.73 25.91
CA THR B 125 -6.46 9.98 25.37
C THR B 125 -7.35 8.75 25.15
N GLY B 126 -6.86 7.55 25.42
CA GLY B 126 -7.73 6.33 25.40
C GLY B 126 -7.67 5.32 24.25
N ALA B 127 -7.30 5.76 23.06
CA ALA B 127 -7.30 4.85 21.91
C ALA B 127 -6.40 5.37 20.83
N ALA B 128 -5.68 4.44 20.21
CA ALA B 128 -4.77 4.81 19.18
C ALA B 128 -4.59 3.67 18.17
N ILE B 129 -4.00 4.05 17.04
CA ILE B 129 -3.63 3.12 16.00
C ILE B 129 -2.38 3.64 15.33
N LEU B 130 -1.69 2.73 14.65
CA LEU B 130 -0.55 3.11 13.81
C LEU B 130 -1.08 3.08 12.40
N ALA B 131 -0.61 4.03 11.61
CA ALA B 131 -1.02 4.16 10.25
C ALA B 131 -0.02 4.97 9.45
N VAL B 132 -0.11 4.84 8.12
CA VAL B 132 0.72 5.65 7.25
C VAL B 132 -0.17 6.25 6.16
N PRO B 133 0.29 7.36 5.57
CA PRO B 133 -0.47 7.92 4.44
C PRO B 133 -0.60 6.92 3.29
N VAL B 134 -1.78 6.84 2.68
CA VAL B 134 -1.98 6.09 1.44
C VAL B 134 -1.17 6.75 0.30
N LYS B 135 -0.52 5.93 -0.53
CA LYS B 135 0.30 6.41 -1.66
C LYS B 135 -0.37 6.20 -3.03
N ASP B 136 -1.26 5.23 -3.12
CA ASP B 136 -1.85 4.85 -4.39
C ASP B 136 -3.22 5.49 -4.53
N THR B 137 -3.67 5.68 -5.77
CA THR B 137 -5.08 6.00 -5.99
C THR B 137 -5.90 4.78 -5.61
N ILE B 138 -7.03 4.98 -4.93
CA ILE B 138 -7.91 3.87 -4.50
C ILE B 138 -9.26 3.99 -5.15
N LYS B 139 -9.72 2.92 -5.78
CA LYS B 139 -11.02 2.89 -6.43
C LYS B 139 -11.92 1.77 -5.86
N ARG B 140 -13.22 2.04 -5.82
CA ARG B 140 -14.21 0.99 -5.61
C ARG B 140 -14.54 0.36 -6.92
N VAL B 141 -14.48 -0.96 -6.96
CA VAL B 141 -14.61 -1.74 -8.15
C VAL B 141 -15.69 -2.80 -7.93
N GLN B 142 -16.60 -2.93 -8.90
CA GLN B 142 -17.71 -3.85 -8.84
C GLN B 142 -17.70 -4.58 -10.18
N ASP B 143 -17.36 -5.86 -10.19
CA ASP B 143 -17.35 -6.62 -11.43
C ASP B 143 -16.29 -6.11 -12.43
N LEU B 144 -15.12 -5.74 -11.91
CA LEU B 144 -13.95 -5.34 -12.71
C LEU B 144 -14.21 -4.07 -13.51
N GLN B 145 -15.12 -3.27 -12.99
CA GLN B 145 -15.46 -2.00 -13.51
C GLN B 145 -15.43 -1.01 -12.37
N VAL B 146 -14.76 0.10 -12.60
CA VAL B 146 -14.70 1.15 -11.60
C VAL B 146 -16.08 1.77 -11.30
N SER B 147 -16.43 1.91 -10.02
CA SER B 147 -17.68 2.61 -9.63
C SER B 147 -17.42 4.02 -9.06
N GLU B 148 -16.37 4.19 -8.24
CA GLU B 148 -15.90 5.53 -7.85
C GLU B 148 -14.43 5.49 -7.46
N THR B 149 -13.81 6.65 -7.48
CA THR B 149 -12.52 6.87 -6.95
C THR B 149 -12.72 7.47 -5.56
N ILE B 150 -12.06 6.89 -4.57
CA ILE B 150 -12.13 7.42 -3.21
C ILE B 150 -11.13 8.56 -3.13
N GLU B 151 -11.55 9.70 -2.59
CA GLU B 151 -10.70 10.87 -2.47
C GLU B 151 -9.47 10.55 -1.59
N ARG B 152 -8.28 10.75 -2.13
CA ARG B 152 -7.04 10.16 -1.57
C ARG B 152 -6.42 10.89 -0.38
N SER B 153 -6.73 12.19 -0.22
CA SER B 153 -5.85 13.16 0.47
C SER B 153 -5.65 12.94 1.98
N SER B 154 -6.73 12.63 2.65
CA SER B 154 -6.71 12.37 4.08
C SER B 154 -6.89 10.85 4.34
N LEU B 155 -6.39 9.99 3.44
CA LEU B 155 -6.51 8.55 3.60
C LEU B 155 -5.26 7.95 4.24
N TRP B 156 -5.49 7.02 5.16
CA TRP B 156 -4.38 6.35 5.82
C TRP B 156 -4.58 4.85 5.77
N ALA B 157 -3.47 4.14 5.56
CA ALA B 157 -3.44 2.68 5.57
C ALA B 157 -3.13 2.29 7.01
N VAL B 158 -4.00 1.49 7.61
CA VAL B 158 -3.94 1.21 9.03
C VAL B 158 -3.08 -0.04 9.24
N GLN B 159 -2.22 0.02 10.24
CA GLN B 159 -1.38 -1.12 10.64
C GLN B 159 -1.87 -1.58 12.03
N THR B 160 -1.13 -2.53 12.60
CA THR B 160 -1.21 -2.84 14.02
C THR B 160 0.20 -2.62 14.59
N PRO B 161 0.36 -2.51 15.92
CA PRO B 161 -0.71 -2.72 16.89
C PRO B 161 -1.73 -1.59 16.98
N GLN B 162 -2.86 -1.92 17.59
CA GLN B 162 -3.88 -0.92 18.00
C GLN B 162 -4.03 -0.95 19.54
N ALA B 163 -3.80 0.21 20.19
CA ALA B 163 -3.65 0.34 21.64
C ALA B 163 -4.82 1.09 22.28
N PHE B 164 -5.44 0.46 23.30
CA PHE B 164 -6.64 0.98 24.00
C PHE B 164 -6.60 0.78 25.52
N ARG B 165 -7.16 1.72 26.27
CA ARG B 165 -7.54 1.44 27.68
C ARG B 165 -8.47 0.24 27.67
N LEU B 166 -8.22 -0.77 28.51
CA LEU B 166 -8.98 -2.04 28.42
C LEU B 166 -10.45 -1.81 28.60
N SER B 167 -10.81 -0.98 29.57
CA SER B 167 -12.23 -0.68 29.88
C SER B 167 -12.88 -0.10 28.63
N LEU B 168 -12.25 0.94 28.10
CA LEU B 168 -12.63 1.58 26.82
C LEU B 168 -12.89 0.54 25.71
N LEU B 169 -11.90 -0.33 25.41
CA LEU B 169 -12.06 -1.36 24.34
C LEU B 169 -13.00 -2.48 24.68
N MET B 170 -13.04 -2.89 25.95
CA MET B 170 -13.96 -3.96 26.30
C MET B 170 -15.40 -3.41 26.30
N LYS B 171 -15.54 -2.19 26.84
CA LYS B 171 -16.74 -1.35 26.60
C LYS B 171 -17.13 -1.34 25.10
N ALA B 172 -16.15 -1.04 24.23
CA ALA B 172 -16.37 -1.03 22.77
C ALA B 172 -16.82 -2.37 22.21
N HIS B 173 -16.15 -3.44 22.63
CA HIS B 173 -16.63 -4.79 22.32
C HIS B 173 -18.01 -5.07 22.92
N ALA B 174 -18.30 -4.51 24.10
CA ALA B 174 -19.60 -4.73 24.75
C ALA B 174 -20.78 -4.21 23.88
N GLU B 175 -20.76 -2.92 23.56
CA GLU B 175 -21.81 -2.30 22.74
C GLU B 175 -21.85 -2.87 21.31
N ALA B 176 -20.69 -3.03 20.68
CA ALA B 176 -20.61 -3.69 19.36
C ALA B 176 -21.06 -5.16 19.37
N GLU B 177 -20.98 -5.81 20.54
CA GLU B 177 -21.63 -7.11 20.73
C GLU B 177 -23.15 -6.90 20.83
N ARG B 178 -23.59 -5.86 21.56
CA ARG B 178 -25.03 -5.57 21.75
C ARG B 178 -25.78 -5.24 20.45
N LYS B 179 -25.15 -4.48 19.56
CA LYS B 179 -25.61 -4.32 18.17
C LYS B 179 -25.06 -5.51 17.39
N GLY B 180 -25.35 -5.59 16.09
CA GLY B 180 -24.82 -6.67 15.27
C GLY B 180 -23.39 -6.51 14.74
N PHE B 181 -22.71 -5.42 15.13
CA PHE B 181 -21.59 -4.91 14.34
C PHE B 181 -20.35 -5.79 14.35
N LEU B 182 -20.07 -6.43 13.21
CA LEU B 182 -18.79 -7.10 12.96
C LEU B 182 -17.81 -6.11 12.33
N GLY B 183 -16.63 -5.97 12.94
CA GLY B 183 -15.59 -5.04 12.51
C GLY B 183 -14.44 -5.75 11.81
N THR B 184 -13.61 -4.96 11.14
CA THR B 184 -12.52 -5.49 10.31
C THR B 184 -11.24 -5.51 11.15
N ASP B 185 -10.97 -4.38 11.78
CA ASP B 185 -9.99 -4.27 12.85
C ASP B 185 -10.75 -3.91 14.15
N ASP B 186 -10.02 -3.54 15.20
CA ASP B 186 -10.64 -3.18 16.49
C ASP B 186 -10.87 -1.69 16.68
N ALA B 187 -10.08 -0.83 16.00
CA ALA B 187 -10.21 0.62 16.19
C ALA B 187 -11.59 1.12 15.81
N SER B 188 -12.25 0.34 14.95
CA SER B 188 -13.56 0.66 14.48
C SER B 188 -14.59 0.62 15.59
N LEU B 189 -14.35 -0.23 16.58
CA LEU B 189 -15.31 -0.40 17.62
C LEU B 189 -15.31 0.88 18.45
N VAL B 190 -14.15 1.36 18.89
CA VAL B 190 -14.05 2.68 19.52
C VAL B 190 -14.71 3.84 18.73
N GLU B 191 -14.46 3.93 17.42
CA GLU B 191 -14.88 5.11 16.65
C GLU B 191 -16.41 5.20 16.47
N GLN B 192 -17.07 4.04 16.56
CA GLN B 192 -18.44 3.88 16.08
C GLN B 192 -19.51 4.28 17.09
N MET B 193 -19.31 3.90 18.34
CA MET B 193 -20.21 4.26 19.42
C MET B 193 -19.78 5.56 20.15
N GLU B 194 -20.73 6.14 20.90
CA GLU B 194 -20.50 7.29 21.80
C GLU B 194 -19.95 8.50 21.05
N GLY B 195 -19.20 9.35 21.76
CA GLY B 195 -18.23 10.25 21.13
C GLY B 195 -16.89 9.54 21.11
N GLY B 196 -16.75 8.60 20.16
CA GLY B 196 -15.54 7.77 20.02
C GLY B 196 -14.40 8.43 19.27
N SER B 197 -13.26 8.59 19.92
CA SER B 197 -12.09 9.24 19.32
C SER B 197 -10.84 8.35 19.33
N VAL B 198 -10.24 8.22 18.14
CA VAL B 198 -9.02 7.45 17.92
C VAL B 198 -7.98 8.39 17.33
N ARG B 199 -6.89 8.60 18.06
CA ARG B 199 -5.76 9.32 17.51
C ARG B 199 -4.87 8.41 16.66
N VAL B 200 -4.08 9.02 15.79
CA VAL B 200 -3.32 8.28 14.84
C VAL B 200 -1.89 8.66 15.05
N VAL B 201 -1.08 7.62 15.15
CA VAL B 201 0.35 7.77 15.28
C VAL B 201 0.88 7.35 13.92
N GLU B 202 1.61 8.25 13.29
CA GLU B 202 2.22 7.97 12.02
C GLU B 202 3.28 6.88 12.25
N GLY B 203 3.02 5.70 11.68
CA GLY B 203 3.94 4.60 11.71
C GLY B 203 4.99 4.61 10.64
N SER B 204 5.54 3.42 10.37
CA SER B 204 6.67 3.25 9.44
C SER B 204 6.25 2.33 8.29
N TYR B 205 6.74 2.65 7.09
CA TYR B 205 6.40 1.85 5.91
C TYR B 205 7.07 0.47 5.94
N THR B 206 8.04 0.27 6.84
CA THR B 206 8.62 -1.04 7.11
C THR B 206 7.72 -1.97 7.93
N ASN B 207 6.63 -1.52 8.53
CA ASN B 207 5.79 -2.39 9.39
C ASN B 207 4.83 -3.18 8.54
N ILE B 208 5.36 -4.03 7.67
CA ILE B 208 4.55 -4.75 6.69
C ILE B 208 3.98 -6.08 7.25
N LYS B 209 2.86 -6.52 6.69
CA LYS B 209 2.23 -7.80 7.01
C LYS B 209 2.71 -8.90 6.06
N LEU B 210 3.20 -10.04 6.58
CA LEU B 210 3.71 -11.13 5.74
C LEU B 210 2.73 -12.29 5.60
N THR B 211 2.17 -12.45 4.40
CA THR B 211 1.44 -13.68 4.02
C THR B 211 2.00 -14.34 2.73
N THR B 212 2.10 -13.58 1.65
CA THR B 212 2.47 -14.12 0.34
C THR B 212 3.98 -14.24 0.23
N PRO B 213 4.46 -14.95 -0.82
CA PRO B 213 5.90 -15.03 -1.05
C PRO B 213 6.55 -13.73 -1.52
N ASP B 214 5.82 -12.86 -2.22
CA ASP B 214 6.32 -11.51 -2.52
C ASP B 214 6.58 -10.75 -1.23
N ASP B 215 5.70 -10.97 -0.24
CA ASP B 215 5.87 -10.35 1.07
C ASP B 215 7.17 -10.80 1.72
N LEU B 216 7.48 -12.09 1.63
CA LEU B 216 8.73 -12.64 2.15
C LEU B 216 9.98 -12.02 1.47
N THR B 217 9.87 -11.80 0.16
CA THR B 217 10.93 -11.11 -0.57
C THR B 217 11.24 -9.72 0.03
N SER B 218 10.20 -8.93 0.28
CA SER B 218 10.37 -7.63 0.96
C SER B 218 10.91 -7.76 2.39
N ALA B 219 10.35 -8.71 3.14
CA ALA B 219 10.70 -8.94 4.55
C ALA B 219 12.13 -9.29 4.69
N GLU B 220 12.60 -10.21 3.85
CA GLU B 220 14.02 -10.55 3.87
C GLU B 220 14.85 -9.30 3.71
N ALA B 221 14.48 -8.45 2.73
CA ALA B 221 15.26 -7.22 2.45
C ALA B 221 15.28 -6.27 3.64
N ILE B 222 14.14 -6.08 4.30
CA ILE B 222 14.05 -5.24 5.50
C ILE B 222 14.96 -5.78 6.61
N MET B 223 14.89 -7.08 6.87
CA MET B 223 15.78 -7.72 7.88
C MET B 223 17.26 -7.45 7.64
N GLU B 224 17.73 -7.67 6.43
CA GLU B 224 19.13 -7.48 6.07
C GLU B 224 19.52 -6.03 6.08
N SER B 225 18.57 -5.16 5.79
CA SER B 225 18.81 -3.72 5.85
C SER B 225 19.07 -3.24 7.27
N GLU B 226 18.43 -3.84 8.27
CA GLU B 226 18.52 -3.34 9.66
C GLU B 226 19.20 -4.33 10.63
N1 CTP C . 5.36 13.60 -12.55
C2 CTP C . 5.38 14.40 -13.67
N3 CTP C . 5.09 15.71 -13.53
C4 CTP C . 4.84 16.23 -12.30
C5 CTP C . 4.82 15.44 -11.15
C6 CTP C . 5.07 14.11 -11.30
O2 CTP C . 5.68 13.90 -14.78
N4 CTP C . 4.57 17.56 -12.20
C1' CTP C . 5.70 12.18 -12.69
C2' CTP C . 6.89 11.79 -11.82
O2' CTP C . 8.20 12.08 -12.38
C3' CTP C . 6.60 10.32 -11.62
C4' CTP C . 5.08 10.12 -11.81
O4' CTP C . 4.59 11.33 -12.36
O3' CTP C . 7.35 9.47 -12.50
C5' CTP C . 4.29 9.84 -10.52
O5' CTP C . 4.43 10.95 -9.63
PA CTP C . 5.04 10.76 -8.17
O1A CTP C . 4.40 11.69 -7.21
O2A CTP C . 5.33 9.38 -7.75
O3A CTP C . 6.56 11.46 -8.46
PB CTP C . 6.96 12.91 -7.91
O1B CTP C . 8.31 13.26 -8.67
O2B CTP C . 5.91 13.91 -8.12
O3B CTP C . 7.31 12.75 -6.34
PG CTP C . 6.64 13.57 -5.07
O1G CTP C . 7.26 14.89 -5.36
O2G CTP C . 7.12 12.74 -3.92
O3G CTP C . 5.14 13.54 -5.18
MG MG D . 4.11 13.60 -6.96
#